data_1BAX
# 
_entry.id   1BAX 
# 
_audit_conform.dict_name       mmcif_pdbx.dic 
_audit_conform.dict_version    5.390 
_audit_conform.dict_location   http://mmcif.pdb.org/dictionaries/ascii/mmcif_pdbx.dic 
# 
loop_
_database_2.database_id 
_database_2.database_code 
_database_2.pdbx_database_accession 
_database_2.pdbx_DOI 
PDB   1BAX         pdb_00001bax 10.2210/pdb1bax/pdb 
WWPDB D_1000171541 ?            ?                   
# 
loop_
_pdbx_audit_revision_history.ordinal 
_pdbx_audit_revision_history.data_content_type 
_pdbx_audit_revision_history.major_revision 
_pdbx_audit_revision_history.minor_revision 
_pdbx_audit_revision_history.revision_date 
1 'Structure model' 1 0 1998-06-17 
2 'Structure model' 1 1 2008-03-24 
3 'Structure model' 1 2 2011-07-13 
4 'Structure model' 1 3 2024-04-10 
# 
_pdbx_audit_revision_details.ordinal             1 
_pdbx_audit_revision_details.revision_ordinal    1 
_pdbx_audit_revision_details.data_content_type   'Structure model' 
_pdbx_audit_revision_details.provider            repository 
_pdbx_audit_revision_details.type                'Initial release' 
_pdbx_audit_revision_details.description         ? 
_pdbx_audit_revision_details.details             ? 
# 
loop_
_pdbx_audit_revision_group.ordinal 
_pdbx_audit_revision_group.revision_ordinal 
_pdbx_audit_revision_group.data_content_type 
_pdbx_audit_revision_group.group 
1 2 'Structure model' 'Version format compliance' 
2 3 'Structure model' 'Version format compliance' 
3 4 'Structure model' 'Data collection'           
4 4 'Structure model' 'Database references'       
5 4 'Structure model' Other                       
# 
loop_
_pdbx_audit_revision_category.ordinal 
_pdbx_audit_revision_category.revision_ordinal 
_pdbx_audit_revision_category.data_content_type 
_pdbx_audit_revision_category.category 
1 4 'Structure model' chem_comp_atom       
2 4 'Structure model' chem_comp_bond       
3 4 'Structure model' database_2           
4 4 'Structure model' pdbx_database_status 
# 
loop_
_pdbx_audit_revision_item.ordinal 
_pdbx_audit_revision_item.revision_ordinal 
_pdbx_audit_revision_item.data_content_type 
_pdbx_audit_revision_item.item 
1 4 'Structure model' '_database_2.pdbx_DOI'                
2 4 'Structure model' '_database_2.pdbx_database_accession' 
3 4 'Structure model' '_pdbx_database_status.process_site'  
# 
_pdbx_database_PDB_obs_spr.id               SPRSDE 
_pdbx_database_PDB_obs_spr.date             1998-06-17 
_pdbx_database_PDB_obs_spr.pdb_id           1BAX 
_pdbx_database_PDB_obs_spr.replace_pdb_id   1AT7 
_pdbx_database_PDB_obs_spr.details          ? 
# 
_pdbx_database_status.status_code                     REL 
_pdbx_database_status.entry_id                        1BAX 
_pdbx_database_status.recvd_initial_deposition_date   1998-04-20 
_pdbx_database_status.deposit_site                    ? 
_pdbx_database_status.process_site                    BNL 
_pdbx_database_status.SG_entry                        . 
_pdbx_database_status.pdb_format_compatible           Y 
_pdbx_database_status.status_code_mr                  ? 
_pdbx_database_status.status_code_sf                  ? 
_pdbx_database_status.status_code_cs                  ? 
_pdbx_database_status.status_code_nmr_data            ? 
_pdbx_database_status.methods_development_category    ? 
# 
loop_
_audit_author.name 
_audit_author.pdbx_ordinal 
'Conte, M.R.'  1 
'Klikova, M.'  2 
'Hunter, E.'   3 
'Ruml, T.'     4 
'Matthews, S.' 5 
# 
_citation.id                        primary 
_citation.title                     
;The three-dimensional solution structure of the matrix protein from the type D retrovirus, the Mason-Pfizer monkey virus, and implications for the morphology of retroviral assembly.
;
_citation.journal_abbrev            'EMBO J.' 
_citation.journal_volume            16 
_citation.page_first                5819 
_citation.page_last                 5826 
_citation.year                      1997 
_citation.journal_id_ASTM           EMJODG 
_citation.country                   UK 
_citation.journal_id_ISSN           0261-4189 
_citation.journal_id_CSD            0897 
_citation.book_publisher            ? 
_citation.pdbx_database_id_PubMed   9312040 
_citation.pdbx_database_id_DOI      10.1093/emboj/16.19.5819 
# 
loop_
_citation_author.citation_id 
_citation_author.name 
_citation_author.ordinal 
_citation_author.identifier_ORCID 
primary 'Conte, M.R.'  1 ? 
primary 'Klikova, M.'  2 ? 
primary 'Hunter, E.'   3 ? 
primary 'Ruml, T.'     4 ? 
primary 'Matthews, S.' 5 ? 
# 
_entity.id                         1 
_entity.type                       polymer 
_entity.src_method                 nat 
_entity.pdbx_description           'M-PMV MATRIX PROTEIN' 
_entity.formula_weight             11316.976 
_entity.pdbx_number_of_molecules   1 
_entity.pdbx_ec                    ? 
_entity.pdbx_mutation              ? 
_entity.pdbx_fragment              ? 
_entity.details                    ? 
# 
_entity_name_com.entity_id   1 
_entity_name_com.name        'M-PMV MA' 
# 
_entity_poly.entity_id                      1 
_entity_poly.type                           'polypeptide(L)' 
_entity_poly.nstd_linkage                   no 
_entity_poly.nstd_monomer                   no 
_entity_poly.pdbx_seq_one_letter_code       
;MGQELSQHERYVEQLKQALKTRGVKVKYADLLKFFDFVKDTCPWFPQEGTIDIKRWRRVGDCFQDYYNTFGPEKVPVTAF
SYWNLIKELIDKKE
;
_entity_poly.pdbx_seq_one_letter_code_can   
;MGQELSQHERYVEQLKQALKTRGVKVKYADLLKFFDFVKDTCPWFPQEGTIDIKRWRRVGDCFQDYYNTFGPEKVPVTAF
SYWNLIKELIDKKE
;
_entity_poly.pdbx_strand_id                 A 
_entity_poly.pdbx_target_identifier         ? 
# 
loop_
_entity_poly_seq.entity_id 
_entity_poly_seq.num 
_entity_poly_seq.mon_id 
_entity_poly_seq.hetero 
1 1  MET n 
1 2  GLY n 
1 3  GLN n 
1 4  GLU n 
1 5  LEU n 
1 6  SER n 
1 7  GLN n 
1 8  HIS n 
1 9  GLU n 
1 10 ARG n 
1 11 TYR n 
1 12 VAL n 
1 13 GLU n 
1 14 GLN n 
1 15 LEU n 
1 16 LYS n 
1 17 GLN n 
1 18 ALA n 
1 19 LEU n 
1 20 LYS n 
1 21 THR n 
1 22 ARG n 
1 23 GLY n 
1 24 VAL n 
1 25 LYS n 
1 26 VAL n 
1 27 LYS n 
1 28 TYR n 
1 29 ALA n 
1 30 ASP n 
1 31 LEU n 
1 32 LEU n 
1 33 LYS n 
1 34 PHE n 
1 35 PHE n 
1 36 ASP n 
1 37 PHE n 
1 38 VAL n 
1 39 LYS n 
1 40 ASP n 
1 41 THR n 
1 42 CYS n 
1 43 PRO n 
1 44 TRP n 
1 45 PHE n 
1 46 PRO n 
1 47 GLN n 
1 48 GLU n 
1 49 GLY n 
1 50 THR n 
1 51 ILE n 
1 52 ASP n 
1 53 ILE n 
1 54 LYS n 
1 55 ARG n 
1 56 TRP n 
1 57 ARG n 
1 58 ARG n 
1 59 VAL n 
1 60 GLY n 
1 61 ASP n 
1 62 CYS n 
1 63 PHE n 
1 64 GLN n 
1 65 ASP n 
1 66 TYR n 
1 67 TYR n 
1 68 ASN n 
1 69 THR n 
1 70 PHE n 
1 71 GLY n 
1 72 PRO n 
1 73 GLU n 
1 74 LYS n 
1 75 VAL n 
1 76 PRO n 
1 77 VAL n 
1 78 THR n 
1 79 ALA n 
1 80 PHE n 
1 81 SER n 
1 82 TYR n 
1 83 TRP n 
1 84 ASN n 
1 85 LEU n 
1 86 ILE n 
1 87 LYS n 
1 88 GLU n 
1 89 LEU n 
1 90 ILE n 
1 91 ASP n 
1 92 LYS n 
1 93 LYS n 
1 94 GLU n 
# 
_entity_src_nat.entity_id                  1 
_entity_src_nat.pdbx_src_id                1 
_entity_src_nat.pdbx_alt_source_flag       sample 
_entity_src_nat.pdbx_beg_seq_num           ? 
_entity_src_nat.pdbx_end_seq_num           ? 
_entity_src_nat.common_name                ? 
_entity_src_nat.pdbx_organism_scientific   'Mason-Pfizer monkey virus' 
_entity_src_nat.pdbx_ncbi_taxonomy_id      11855 
_entity_src_nat.genus                      Betaretrovirus 
_entity_src_nat.species                    ? 
_entity_src_nat.strain                     ? 
_entity_src_nat.tissue                     ? 
_entity_src_nat.tissue_fraction            ? 
_entity_src_nat.pdbx_secretion             ? 
_entity_src_nat.pdbx_fragment              ? 
_entity_src_nat.pdbx_variant               ? 
_entity_src_nat.pdbx_cell_line             ? 
_entity_src_nat.pdbx_atcc                  ? 
_entity_src_nat.pdbx_cellular_location     ? 
_entity_src_nat.pdbx_organ                 ? 
_entity_src_nat.pdbx_organelle             ? 
_entity_src_nat.pdbx_cell                  ? 
_entity_src_nat.pdbx_plasmid_name          ? 
_entity_src_nat.pdbx_plasmid_details       ? 
_entity_src_nat.details                    ? 
# 
loop_
_chem_comp.id 
_chem_comp.type 
_chem_comp.mon_nstd_flag 
_chem_comp.name 
_chem_comp.pdbx_synonyms 
_chem_comp.formula 
_chem_comp.formula_weight 
ALA 'L-peptide linking' y ALANINE         ? 'C3 H7 N O2'     89.093  
ARG 'L-peptide linking' y ARGININE        ? 'C6 H15 N4 O2 1' 175.209 
ASN 'L-peptide linking' y ASPARAGINE      ? 'C4 H8 N2 O3'    132.118 
ASP 'L-peptide linking' y 'ASPARTIC ACID' ? 'C4 H7 N O4'     133.103 
CYS 'L-peptide linking' y CYSTEINE        ? 'C3 H7 N O2 S'   121.158 
GLN 'L-peptide linking' y GLUTAMINE       ? 'C5 H10 N2 O3'   146.144 
GLU 'L-peptide linking' y 'GLUTAMIC ACID' ? 'C5 H9 N O4'     147.129 
GLY 'peptide linking'   y GLYCINE         ? 'C2 H5 N O2'     75.067  
HIS 'L-peptide linking' y HISTIDINE       ? 'C6 H10 N3 O2 1' 156.162 
ILE 'L-peptide linking' y ISOLEUCINE      ? 'C6 H13 N O2'    131.173 
LEU 'L-peptide linking' y LEUCINE         ? 'C6 H13 N O2'    131.173 
LYS 'L-peptide linking' y LYSINE          ? 'C6 H15 N2 O2 1' 147.195 
MET 'L-peptide linking' y METHIONINE      ? 'C5 H11 N O2 S'  149.211 
PHE 'L-peptide linking' y PHENYLALANINE   ? 'C9 H11 N O2'    165.189 
PRO 'L-peptide linking' y PROLINE         ? 'C5 H9 N O2'     115.130 
SER 'L-peptide linking' y SERINE          ? 'C3 H7 N O3'     105.093 
THR 'L-peptide linking' y THREONINE       ? 'C4 H9 N O3'     119.119 
TRP 'L-peptide linking' y TRYPTOPHAN      ? 'C11 H12 N2 O2'  204.225 
TYR 'L-peptide linking' y TYROSINE        ? 'C9 H11 N O3'    181.189 
VAL 'L-peptide linking' y VALINE          ? 'C5 H11 N O2'    117.146 
# 
loop_
_pdbx_poly_seq_scheme.asym_id 
_pdbx_poly_seq_scheme.entity_id 
_pdbx_poly_seq_scheme.seq_id 
_pdbx_poly_seq_scheme.mon_id 
_pdbx_poly_seq_scheme.ndb_seq_num 
_pdbx_poly_seq_scheme.pdb_seq_num 
_pdbx_poly_seq_scheme.auth_seq_num 
_pdbx_poly_seq_scheme.pdb_mon_id 
_pdbx_poly_seq_scheme.auth_mon_id 
_pdbx_poly_seq_scheme.pdb_strand_id 
_pdbx_poly_seq_scheme.pdb_ins_code 
_pdbx_poly_seq_scheme.hetero 
A 1 1  MET 1  1  1  MET MET A . n 
A 1 2  GLY 2  2  2  GLY GLY A . n 
A 1 3  GLN 3  3  3  GLN GLN A . n 
A 1 4  GLU 4  4  4  GLU GLU A . n 
A 1 5  LEU 5  5  5  LEU LEU A . n 
A 1 6  SER 6  6  6  SER SER A . n 
A 1 7  GLN 7  7  7  GLN GLN A . n 
A 1 8  HIS 8  8  8  HIS HIS A . n 
A 1 9  GLU 9  9  9  GLU GLU A . n 
A 1 10 ARG 10 10 10 ARG ARG A . n 
A 1 11 TYR 11 11 11 TYR TYR A . n 
A 1 12 VAL 12 12 12 VAL VAL A . n 
A 1 13 GLU 13 13 13 GLU GLU A . n 
A 1 14 GLN 14 14 14 GLN GLN A . n 
A 1 15 LEU 15 15 15 LEU LEU A . n 
A 1 16 LYS 16 16 16 LYS LYS A . n 
A 1 17 GLN 17 17 17 GLN GLN A . n 
A 1 18 ALA 18 18 18 ALA ALA A . n 
A 1 19 LEU 19 19 19 LEU LEU A . n 
A 1 20 LYS 20 20 20 LYS LYS A . n 
A 1 21 THR 21 21 21 THR THR A . n 
A 1 22 ARG 22 22 22 ARG ARG A . n 
A 1 23 GLY 23 23 23 GLY GLY A . n 
A 1 24 VAL 24 24 24 VAL VAL A . n 
A 1 25 LYS 25 25 25 LYS LYS A . n 
A 1 26 VAL 26 26 26 VAL VAL A . n 
A 1 27 LYS 27 27 27 LYS LYS A . n 
A 1 28 TYR 28 28 28 TYR TYR A . n 
A 1 29 ALA 29 29 29 ALA ALA A . n 
A 1 30 ASP 30 30 30 ASP ASP A . n 
A 1 31 LEU 31 31 31 LEU LEU A . n 
A 1 32 LEU 32 32 32 LEU LEU A . n 
A 1 33 LYS 33 33 33 LYS LYS A . n 
A 1 34 PHE 34 34 34 PHE PHE A . n 
A 1 35 PHE 35 35 35 PHE PHE A . n 
A 1 36 ASP 36 36 36 ASP ASP A . n 
A 1 37 PHE 37 37 37 PHE PHE A . n 
A 1 38 VAL 38 38 38 VAL VAL A . n 
A 1 39 LYS 39 39 39 LYS LYS A . n 
A 1 40 ASP 40 40 40 ASP ASP A . n 
A 1 41 THR 41 41 41 THR THR A . n 
A 1 42 CYS 42 42 42 CYS CYS A . n 
A 1 43 PRO 43 43 43 PRO PRO A . n 
A 1 44 TRP 44 44 44 TRP TRP A . n 
A 1 45 PHE 45 45 45 PHE PHE A . n 
A 1 46 PRO 46 46 46 PRO PRO A . n 
A 1 47 GLN 47 47 47 GLN GLN A . n 
A 1 48 GLU 48 48 48 GLU GLU A . n 
A 1 49 GLY 49 49 49 GLY GLY A . n 
A 1 50 THR 50 50 50 THR THR A . n 
A 1 51 ILE 51 51 51 ILE ILE A . n 
A 1 52 ASP 52 52 52 ASP ASP A . n 
A 1 53 ILE 53 53 53 ILE ILE A . n 
A 1 54 LYS 54 54 54 LYS LYS A . n 
A 1 55 ARG 55 55 55 ARG ARG A . n 
A 1 56 TRP 56 56 56 TRP TRP A . n 
A 1 57 ARG 57 57 57 ARG ARG A . n 
A 1 58 ARG 58 58 58 ARG ARG A . n 
A 1 59 VAL 59 59 59 VAL VAL A . n 
A 1 60 GLY 60 60 60 GLY GLY A . n 
A 1 61 ASP 61 61 61 ASP ASP A . n 
A 1 62 CYS 62 62 62 CYS CYS A . n 
A 1 63 PHE 63 63 63 PHE PHE A . n 
A 1 64 GLN 64 64 64 GLN GLN A . n 
A 1 65 ASP 65 65 65 ASP ASP A . n 
A 1 66 TYR 66 66 66 TYR TYR A . n 
A 1 67 TYR 67 67 67 TYR TYR A . n 
A 1 68 ASN 68 68 68 ASN ASN A . n 
A 1 69 THR 69 69 69 THR THR A . n 
A 1 70 PHE 70 70 70 PHE PHE A . n 
A 1 71 GLY 71 71 71 GLY GLY A . n 
A 1 72 PRO 72 72 72 PRO PRO A . n 
A 1 73 GLU 73 73 73 GLU GLU A . n 
A 1 74 LYS 74 74 74 LYS LYS A . n 
A 1 75 VAL 75 75 75 VAL VAL A . n 
A 1 76 PRO 76 76 76 PRO PRO A . n 
A 1 77 VAL 77 77 77 VAL VAL A . n 
A 1 78 THR 78 78 78 THR THR A . n 
A 1 79 ALA 79 79 79 ALA ALA A . n 
A 1 80 PHE 80 80 80 PHE PHE A . n 
A 1 81 SER 81 81 81 SER SER A . n 
A 1 82 TYR 82 82 82 TYR TYR A . n 
A 1 83 TRP 83 83 83 TRP TRP A . n 
A 1 84 ASN 84 84 84 ASN ASN A . n 
A 1 85 LEU 85 85 85 LEU LEU A . n 
A 1 86 ILE 86 86 86 ILE ILE A . n 
A 1 87 LYS 87 87 87 LYS LYS A . n 
A 1 88 GLU 88 88 88 GLU GLU A . n 
A 1 89 LEU 89 89 89 LEU LEU A . n 
A 1 90 ILE 90 90 90 ILE ILE A . n 
A 1 91 ASP 91 91 91 ASP ASP A . n 
A 1 92 LYS 92 92 92 LYS LYS A . n 
A 1 93 LYS 93 93 93 LYS LYS A . n 
A 1 94 GLU 94 94 94 GLU GLU A . n 
# 
loop_
_software.name 
_software.classification 
_software.version 
_software.citation_id 
_software.pdbx_ordinal 
X-PLOR 'model building' . ? 1 
X-PLOR refinement       . ? 2 
X-PLOR phasing          . ? 3 
# 
_cell.entry_id           1BAX 
_cell.length_a           1.000 
_cell.length_b           1.000 
_cell.length_c           1.000 
_cell.angle_alpha        90.00 
_cell.angle_beta         90.00 
_cell.angle_gamma        90.00 
_cell.Z_PDB              1 
_cell.pdbx_unique_axis   ? 
# 
_symmetry.entry_id                         1BAX 
_symmetry.space_group_name_H-M             'P 1' 
_symmetry.pdbx_full_space_group_name_H-M   ? 
_symmetry.cell_setting                     ? 
_symmetry.Int_Tables_number                1 
# 
_exptl.entry_id          1BAX 
_exptl.method            'SOLUTION NMR' 
_exptl.crystals_number   ? 
# 
_struct.entry_id                  1BAX 
_struct.title                     'MASON-PFIZER MONKEY VIRUS MATRIX PROTEIN, NMR, AVERAGE STRUCTURE' 
_struct.pdbx_model_details        ? 
_struct.pdbx_CASP_flag            ? 
_struct.pdbx_model_type_details   ? 
# 
_struct_keywords.entry_id        1BAX 
_struct_keywords.pdbx_keywords   'MATRIX PROTEIN' 
_struct_keywords.text            'MATRIX PROTEIN, CORE PROTEIN, POLYPROTEIN, MYRISTYLATION' 
# 
_struct_asym.id                            A 
_struct_asym.pdbx_blank_PDB_chainid_flag   Y 
_struct_asym.pdbx_modified                 N 
_struct_asym.entity_id                     1 
_struct_asym.details                       ? 
# 
_struct_ref.id                         1 
_struct_ref.db_name                    UNP 
_struct_ref.db_code                    GAG_MPMV 
_struct_ref.entity_id                  1 
_struct_ref.pdbx_db_accession          P07567 
_struct_ref.pdbx_align_begin           1 
_struct_ref.pdbx_seq_one_letter_code   
;MGQELSQHERYVEQLKQALKTRGVKVKYADLLKFFDFVKDTCPWFPQEGTIDIKRWRRVGDCFQDYYNTFGPEKVPVTAF
SYWNLIKELIDKKEVNPQVMAAVAQTEEILKSNSQTDLTKTSQNPDLDLISLDSDDEGAKSSSLQDKGLSSTKKPKRFPV
LLTAQTSKDPEDPNPSEVDWDGLEDEAAKYHNPDWPPFLTRPPPYNKATPSAPTVMAVVNPKEELKEKIAQLEEQIKLEE
LHQALISKLQKLKTGNETVTHPDTAGGLSRTPHWPGQHIPKGKCCASREKEEQIPKDIFPVTETVDGQGQAWRHHNGFDF
AVIKELKTAASQYGATAPYTLAIVESVADNWLTPTDWNTLVRAVLSGGDHLLWKSEFFENCRDTAKRNQQAGNGWDFDML
TGSGNYSSTDAQMQYDPGLFAQIQAAATKAWRKLPVKGDPGASLTGVKQGPDEPFADFVHRLITTAGRIFGSAEAGVDYV
KQLAYENANPACQAAIRPYRKKTDLTGYIRLCSDIGPSYQQGLAMAAAFSGQTVKDFLNNKNKEKGGCCFKCGKKGHFAK
NCHEHAHNNAEPKVPGLCPRCKRGKHWANECKSKTDNQGNPIPPHQGNGWRGQPQAPKQAYGAVSFVPANKNNPFQSLPE
PPQEVQDWTSVPPPTQY
;
_struct_ref.pdbx_db_isoform            ? 
# 
_struct_ref_seq.align_id                      1 
_struct_ref_seq.ref_id                        1 
_struct_ref_seq.pdbx_PDB_id_code              1BAX 
_struct_ref_seq.pdbx_strand_id                A 
_struct_ref_seq.seq_align_beg                 1 
_struct_ref_seq.pdbx_seq_align_beg_ins_code   ? 
_struct_ref_seq.seq_align_end                 94 
_struct_ref_seq.pdbx_seq_align_end_ins_code   ? 
_struct_ref_seq.pdbx_db_accession             P07567 
_struct_ref_seq.db_align_beg                  1 
_struct_ref_seq.pdbx_db_align_beg_ins_code    ? 
_struct_ref_seq.db_align_end                  94 
_struct_ref_seq.pdbx_db_align_end_ins_code    ? 
_struct_ref_seq.pdbx_auth_seq_align_beg       1 
_struct_ref_seq.pdbx_auth_seq_align_end       94 
# 
_pdbx_struct_assembly.id                   1 
_pdbx_struct_assembly.details              author_defined_assembly 
_pdbx_struct_assembly.method_details       ? 
_pdbx_struct_assembly.oligomeric_details   monomeric 
_pdbx_struct_assembly.oligomeric_count     1 
# 
_pdbx_struct_assembly_gen.assembly_id       1 
_pdbx_struct_assembly_gen.oper_expression   1 
_pdbx_struct_assembly_gen.asym_id_list      A 
# 
_pdbx_struct_oper_list.id                   1 
_pdbx_struct_oper_list.type                 'identity operation' 
_pdbx_struct_oper_list.name                 1_555 
_pdbx_struct_oper_list.symmetry_operation   x,y,z 
_pdbx_struct_oper_list.matrix[1][1]         1.0000000000 
_pdbx_struct_oper_list.matrix[1][2]         0.0000000000 
_pdbx_struct_oper_list.matrix[1][3]         0.0000000000 
_pdbx_struct_oper_list.vector[1]            0.0000000000 
_pdbx_struct_oper_list.matrix[2][1]         0.0000000000 
_pdbx_struct_oper_list.matrix[2][2]         1.0000000000 
_pdbx_struct_oper_list.matrix[2][3]         0.0000000000 
_pdbx_struct_oper_list.vector[2]            0.0000000000 
_pdbx_struct_oper_list.matrix[3][1]         0.0000000000 
_pdbx_struct_oper_list.matrix[3][2]         0.0000000000 
_pdbx_struct_oper_list.matrix[3][3]         1.0000000000 
_pdbx_struct_oper_list.vector[3]            0.0000000000 
# 
_struct_biol.id   1 
# 
_pdbx_nmr_ensemble.entry_id                             1BAX 
_pdbx_nmr_ensemble.conformers_calculated_total_number   100 
_pdbx_nmr_ensemble.conformers_submitted_total_number    1 
_pdbx_nmr_ensemble.conformer_selection_criteria         ? 
# 
_pdbx_nmr_exptl_sample_conditions.conditions_id       1 
_pdbx_nmr_exptl_sample_conditions.temperature         303 
_pdbx_nmr_exptl_sample_conditions.pressure            ? 
_pdbx_nmr_exptl_sample_conditions.pH                  6.0 
_pdbx_nmr_exptl_sample_conditions.ionic_strength      ? 
_pdbx_nmr_exptl_sample_conditions.pressure_units      . 
_pdbx_nmr_exptl_sample_conditions.temperature_units   K 
# 
_pdbx_nmr_software.classification   refinement 
_pdbx_nmr_software.name             X-PLOR 
_pdbx_nmr_software.version          ? 
_pdbx_nmr_software.authors          BRUNGER 
_pdbx_nmr_software.ordinal          1 
# 
loop_
_chem_comp_atom.comp_id 
_chem_comp_atom.atom_id 
_chem_comp_atom.type_symbol 
_chem_comp_atom.pdbx_aromatic_flag 
_chem_comp_atom.pdbx_stereo_config 
_chem_comp_atom.pdbx_ordinal 
ALA N    N N N 1   
ALA CA   C N S 2   
ALA C    C N N 3   
ALA O    O N N 4   
ALA CB   C N N 5   
ALA OXT  O N N 6   
ALA H    H N N 7   
ALA H2   H N N 8   
ALA HA   H N N 9   
ALA HB1  H N N 10  
ALA HB2  H N N 11  
ALA HB3  H N N 12  
ALA HXT  H N N 13  
ARG N    N N N 14  
ARG CA   C N S 15  
ARG C    C N N 16  
ARG O    O N N 17  
ARG CB   C N N 18  
ARG CG   C N N 19  
ARG CD   C N N 20  
ARG NE   N N N 21  
ARG CZ   C N N 22  
ARG NH1  N N N 23  
ARG NH2  N N N 24  
ARG OXT  O N N 25  
ARG H    H N N 26  
ARG H2   H N N 27  
ARG HA   H N N 28  
ARG HB2  H N N 29  
ARG HB3  H N N 30  
ARG HG2  H N N 31  
ARG HG3  H N N 32  
ARG HD2  H N N 33  
ARG HD3  H N N 34  
ARG HE   H N N 35  
ARG HH11 H N N 36  
ARG HH12 H N N 37  
ARG HH21 H N N 38  
ARG HH22 H N N 39  
ARG HXT  H N N 40  
ASN N    N N N 41  
ASN CA   C N S 42  
ASN C    C N N 43  
ASN O    O N N 44  
ASN CB   C N N 45  
ASN CG   C N N 46  
ASN OD1  O N N 47  
ASN ND2  N N N 48  
ASN OXT  O N N 49  
ASN H    H N N 50  
ASN H2   H N N 51  
ASN HA   H N N 52  
ASN HB2  H N N 53  
ASN HB3  H N N 54  
ASN HD21 H N N 55  
ASN HD22 H N N 56  
ASN HXT  H N N 57  
ASP N    N N N 58  
ASP CA   C N S 59  
ASP C    C N N 60  
ASP O    O N N 61  
ASP CB   C N N 62  
ASP CG   C N N 63  
ASP OD1  O N N 64  
ASP OD2  O N N 65  
ASP OXT  O N N 66  
ASP H    H N N 67  
ASP H2   H N N 68  
ASP HA   H N N 69  
ASP HB2  H N N 70  
ASP HB3  H N N 71  
ASP HD2  H N N 72  
ASP HXT  H N N 73  
CYS N    N N N 74  
CYS CA   C N R 75  
CYS C    C N N 76  
CYS O    O N N 77  
CYS CB   C N N 78  
CYS SG   S N N 79  
CYS OXT  O N N 80  
CYS H    H N N 81  
CYS H2   H N N 82  
CYS HA   H N N 83  
CYS HB2  H N N 84  
CYS HB3  H N N 85  
CYS HG   H N N 86  
CYS HXT  H N N 87  
GLN N    N N N 88  
GLN CA   C N S 89  
GLN C    C N N 90  
GLN O    O N N 91  
GLN CB   C N N 92  
GLN CG   C N N 93  
GLN CD   C N N 94  
GLN OE1  O N N 95  
GLN NE2  N N N 96  
GLN OXT  O N N 97  
GLN H    H N N 98  
GLN H2   H N N 99  
GLN HA   H N N 100 
GLN HB2  H N N 101 
GLN HB3  H N N 102 
GLN HG2  H N N 103 
GLN HG3  H N N 104 
GLN HE21 H N N 105 
GLN HE22 H N N 106 
GLN HXT  H N N 107 
GLU N    N N N 108 
GLU CA   C N S 109 
GLU C    C N N 110 
GLU O    O N N 111 
GLU CB   C N N 112 
GLU CG   C N N 113 
GLU CD   C N N 114 
GLU OE1  O N N 115 
GLU OE2  O N N 116 
GLU OXT  O N N 117 
GLU H    H N N 118 
GLU H2   H N N 119 
GLU HA   H N N 120 
GLU HB2  H N N 121 
GLU HB3  H N N 122 
GLU HG2  H N N 123 
GLU HG3  H N N 124 
GLU HE2  H N N 125 
GLU HXT  H N N 126 
GLY N    N N N 127 
GLY CA   C N N 128 
GLY C    C N N 129 
GLY O    O N N 130 
GLY OXT  O N N 131 
GLY H    H N N 132 
GLY H2   H N N 133 
GLY HA2  H N N 134 
GLY HA3  H N N 135 
GLY HXT  H N N 136 
HIS N    N N N 137 
HIS CA   C N S 138 
HIS C    C N N 139 
HIS O    O N N 140 
HIS CB   C N N 141 
HIS CG   C Y N 142 
HIS ND1  N Y N 143 
HIS CD2  C Y N 144 
HIS CE1  C Y N 145 
HIS NE2  N Y N 146 
HIS OXT  O N N 147 
HIS H    H N N 148 
HIS H2   H N N 149 
HIS HA   H N N 150 
HIS HB2  H N N 151 
HIS HB3  H N N 152 
HIS HD1  H N N 153 
HIS HD2  H N N 154 
HIS HE1  H N N 155 
HIS HE2  H N N 156 
HIS HXT  H N N 157 
ILE N    N N N 158 
ILE CA   C N S 159 
ILE C    C N N 160 
ILE O    O N N 161 
ILE CB   C N S 162 
ILE CG1  C N N 163 
ILE CG2  C N N 164 
ILE CD1  C N N 165 
ILE OXT  O N N 166 
ILE H    H N N 167 
ILE H2   H N N 168 
ILE HA   H N N 169 
ILE HB   H N N 170 
ILE HG12 H N N 171 
ILE HG13 H N N 172 
ILE HG21 H N N 173 
ILE HG22 H N N 174 
ILE HG23 H N N 175 
ILE HD11 H N N 176 
ILE HD12 H N N 177 
ILE HD13 H N N 178 
ILE HXT  H N N 179 
LEU N    N N N 180 
LEU CA   C N S 181 
LEU C    C N N 182 
LEU O    O N N 183 
LEU CB   C N N 184 
LEU CG   C N N 185 
LEU CD1  C N N 186 
LEU CD2  C N N 187 
LEU OXT  O N N 188 
LEU H    H N N 189 
LEU H2   H N N 190 
LEU HA   H N N 191 
LEU HB2  H N N 192 
LEU HB3  H N N 193 
LEU HG   H N N 194 
LEU HD11 H N N 195 
LEU HD12 H N N 196 
LEU HD13 H N N 197 
LEU HD21 H N N 198 
LEU HD22 H N N 199 
LEU HD23 H N N 200 
LEU HXT  H N N 201 
LYS N    N N N 202 
LYS CA   C N S 203 
LYS C    C N N 204 
LYS O    O N N 205 
LYS CB   C N N 206 
LYS CG   C N N 207 
LYS CD   C N N 208 
LYS CE   C N N 209 
LYS NZ   N N N 210 
LYS OXT  O N N 211 
LYS H    H N N 212 
LYS H2   H N N 213 
LYS HA   H N N 214 
LYS HB2  H N N 215 
LYS HB3  H N N 216 
LYS HG2  H N N 217 
LYS HG3  H N N 218 
LYS HD2  H N N 219 
LYS HD3  H N N 220 
LYS HE2  H N N 221 
LYS HE3  H N N 222 
LYS HZ1  H N N 223 
LYS HZ2  H N N 224 
LYS HZ3  H N N 225 
LYS HXT  H N N 226 
MET N    N N N 227 
MET CA   C N S 228 
MET C    C N N 229 
MET O    O N N 230 
MET CB   C N N 231 
MET CG   C N N 232 
MET SD   S N N 233 
MET CE   C N N 234 
MET OXT  O N N 235 
MET H    H N N 236 
MET H2   H N N 237 
MET HA   H N N 238 
MET HB2  H N N 239 
MET HB3  H N N 240 
MET HG2  H N N 241 
MET HG3  H N N 242 
MET HE1  H N N 243 
MET HE2  H N N 244 
MET HE3  H N N 245 
MET HXT  H N N 246 
PHE N    N N N 247 
PHE CA   C N S 248 
PHE C    C N N 249 
PHE O    O N N 250 
PHE CB   C N N 251 
PHE CG   C Y N 252 
PHE CD1  C Y N 253 
PHE CD2  C Y N 254 
PHE CE1  C Y N 255 
PHE CE2  C Y N 256 
PHE CZ   C Y N 257 
PHE OXT  O N N 258 
PHE H    H N N 259 
PHE H2   H N N 260 
PHE HA   H N N 261 
PHE HB2  H N N 262 
PHE HB3  H N N 263 
PHE HD1  H N N 264 
PHE HD2  H N N 265 
PHE HE1  H N N 266 
PHE HE2  H N N 267 
PHE HZ   H N N 268 
PHE HXT  H N N 269 
PRO N    N N N 270 
PRO CA   C N S 271 
PRO C    C N N 272 
PRO O    O N N 273 
PRO CB   C N N 274 
PRO CG   C N N 275 
PRO CD   C N N 276 
PRO OXT  O N N 277 
PRO H    H N N 278 
PRO HA   H N N 279 
PRO HB2  H N N 280 
PRO HB3  H N N 281 
PRO HG2  H N N 282 
PRO HG3  H N N 283 
PRO HD2  H N N 284 
PRO HD3  H N N 285 
PRO HXT  H N N 286 
SER N    N N N 287 
SER CA   C N S 288 
SER C    C N N 289 
SER O    O N N 290 
SER CB   C N N 291 
SER OG   O N N 292 
SER OXT  O N N 293 
SER H    H N N 294 
SER H2   H N N 295 
SER HA   H N N 296 
SER HB2  H N N 297 
SER HB3  H N N 298 
SER HG   H N N 299 
SER HXT  H N N 300 
THR N    N N N 301 
THR CA   C N S 302 
THR C    C N N 303 
THR O    O N N 304 
THR CB   C N R 305 
THR OG1  O N N 306 
THR CG2  C N N 307 
THR OXT  O N N 308 
THR H    H N N 309 
THR H2   H N N 310 
THR HA   H N N 311 
THR HB   H N N 312 
THR HG1  H N N 313 
THR HG21 H N N 314 
THR HG22 H N N 315 
THR HG23 H N N 316 
THR HXT  H N N 317 
TRP N    N N N 318 
TRP CA   C N S 319 
TRP C    C N N 320 
TRP O    O N N 321 
TRP CB   C N N 322 
TRP CG   C Y N 323 
TRP CD1  C Y N 324 
TRP CD2  C Y N 325 
TRP NE1  N Y N 326 
TRP CE2  C Y N 327 
TRP CE3  C Y N 328 
TRP CZ2  C Y N 329 
TRP CZ3  C Y N 330 
TRP CH2  C Y N 331 
TRP OXT  O N N 332 
TRP H    H N N 333 
TRP H2   H N N 334 
TRP HA   H N N 335 
TRP HB2  H N N 336 
TRP HB3  H N N 337 
TRP HD1  H N N 338 
TRP HE1  H N N 339 
TRP HE3  H N N 340 
TRP HZ2  H N N 341 
TRP HZ3  H N N 342 
TRP HH2  H N N 343 
TRP HXT  H N N 344 
TYR N    N N N 345 
TYR CA   C N S 346 
TYR C    C N N 347 
TYR O    O N N 348 
TYR CB   C N N 349 
TYR CG   C Y N 350 
TYR CD1  C Y N 351 
TYR CD2  C Y N 352 
TYR CE1  C Y N 353 
TYR CE2  C Y N 354 
TYR CZ   C Y N 355 
TYR OH   O N N 356 
TYR OXT  O N N 357 
TYR H    H N N 358 
TYR H2   H N N 359 
TYR HA   H N N 360 
TYR HB2  H N N 361 
TYR HB3  H N N 362 
TYR HD1  H N N 363 
TYR HD2  H N N 364 
TYR HE1  H N N 365 
TYR HE2  H N N 366 
TYR HH   H N N 367 
TYR HXT  H N N 368 
VAL N    N N N 369 
VAL CA   C N S 370 
VAL C    C N N 371 
VAL O    O N N 372 
VAL CB   C N N 373 
VAL CG1  C N N 374 
VAL CG2  C N N 375 
VAL OXT  O N N 376 
VAL H    H N N 377 
VAL H2   H N N 378 
VAL HA   H N N 379 
VAL HB   H N N 380 
VAL HG11 H N N 381 
VAL HG12 H N N 382 
VAL HG13 H N N 383 
VAL HG21 H N N 384 
VAL HG22 H N N 385 
VAL HG23 H N N 386 
VAL HXT  H N N 387 
# 
loop_
_chem_comp_bond.comp_id 
_chem_comp_bond.atom_id_1 
_chem_comp_bond.atom_id_2 
_chem_comp_bond.value_order 
_chem_comp_bond.pdbx_aromatic_flag 
_chem_comp_bond.pdbx_stereo_config 
_chem_comp_bond.pdbx_ordinal 
ALA N   CA   sing N N 1   
ALA N   H    sing N N 2   
ALA N   H2   sing N N 3   
ALA CA  C    sing N N 4   
ALA CA  CB   sing N N 5   
ALA CA  HA   sing N N 6   
ALA C   O    doub N N 7   
ALA C   OXT  sing N N 8   
ALA CB  HB1  sing N N 9   
ALA CB  HB2  sing N N 10  
ALA CB  HB3  sing N N 11  
ALA OXT HXT  sing N N 12  
ARG N   CA   sing N N 13  
ARG N   H    sing N N 14  
ARG N   H2   sing N N 15  
ARG CA  C    sing N N 16  
ARG CA  CB   sing N N 17  
ARG CA  HA   sing N N 18  
ARG C   O    doub N N 19  
ARG C   OXT  sing N N 20  
ARG CB  CG   sing N N 21  
ARG CB  HB2  sing N N 22  
ARG CB  HB3  sing N N 23  
ARG CG  CD   sing N N 24  
ARG CG  HG2  sing N N 25  
ARG CG  HG3  sing N N 26  
ARG CD  NE   sing N N 27  
ARG CD  HD2  sing N N 28  
ARG CD  HD3  sing N N 29  
ARG NE  CZ   sing N N 30  
ARG NE  HE   sing N N 31  
ARG CZ  NH1  sing N N 32  
ARG CZ  NH2  doub N N 33  
ARG NH1 HH11 sing N N 34  
ARG NH1 HH12 sing N N 35  
ARG NH2 HH21 sing N N 36  
ARG NH2 HH22 sing N N 37  
ARG OXT HXT  sing N N 38  
ASN N   CA   sing N N 39  
ASN N   H    sing N N 40  
ASN N   H2   sing N N 41  
ASN CA  C    sing N N 42  
ASN CA  CB   sing N N 43  
ASN CA  HA   sing N N 44  
ASN C   O    doub N N 45  
ASN C   OXT  sing N N 46  
ASN CB  CG   sing N N 47  
ASN CB  HB2  sing N N 48  
ASN CB  HB3  sing N N 49  
ASN CG  OD1  doub N N 50  
ASN CG  ND2  sing N N 51  
ASN ND2 HD21 sing N N 52  
ASN ND2 HD22 sing N N 53  
ASN OXT HXT  sing N N 54  
ASP N   CA   sing N N 55  
ASP N   H    sing N N 56  
ASP N   H2   sing N N 57  
ASP CA  C    sing N N 58  
ASP CA  CB   sing N N 59  
ASP CA  HA   sing N N 60  
ASP C   O    doub N N 61  
ASP C   OXT  sing N N 62  
ASP CB  CG   sing N N 63  
ASP CB  HB2  sing N N 64  
ASP CB  HB3  sing N N 65  
ASP CG  OD1  doub N N 66  
ASP CG  OD2  sing N N 67  
ASP OD2 HD2  sing N N 68  
ASP OXT HXT  sing N N 69  
CYS N   CA   sing N N 70  
CYS N   H    sing N N 71  
CYS N   H2   sing N N 72  
CYS CA  C    sing N N 73  
CYS CA  CB   sing N N 74  
CYS CA  HA   sing N N 75  
CYS C   O    doub N N 76  
CYS C   OXT  sing N N 77  
CYS CB  SG   sing N N 78  
CYS CB  HB2  sing N N 79  
CYS CB  HB3  sing N N 80  
CYS SG  HG   sing N N 81  
CYS OXT HXT  sing N N 82  
GLN N   CA   sing N N 83  
GLN N   H    sing N N 84  
GLN N   H2   sing N N 85  
GLN CA  C    sing N N 86  
GLN CA  CB   sing N N 87  
GLN CA  HA   sing N N 88  
GLN C   O    doub N N 89  
GLN C   OXT  sing N N 90  
GLN CB  CG   sing N N 91  
GLN CB  HB2  sing N N 92  
GLN CB  HB3  sing N N 93  
GLN CG  CD   sing N N 94  
GLN CG  HG2  sing N N 95  
GLN CG  HG3  sing N N 96  
GLN CD  OE1  doub N N 97  
GLN CD  NE2  sing N N 98  
GLN NE2 HE21 sing N N 99  
GLN NE2 HE22 sing N N 100 
GLN OXT HXT  sing N N 101 
GLU N   CA   sing N N 102 
GLU N   H    sing N N 103 
GLU N   H2   sing N N 104 
GLU CA  C    sing N N 105 
GLU CA  CB   sing N N 106 
GLU CA  HA   sing N N 107 
GLU C   O    doub N N 108 
GLU C   OXT  sing N N 109 
GLU CB  CG   sing N N 110 
GLU CB  HB2  sing N N 111 
GLU CB  HB3  sing N N 112 
GLU CG  CD   sing N N 113 
GLU CG  HG2  sing N N 114 
GLU CG  HG3  sing N N 115 
GLU CD  OE1  doub N N 116 
GLU CD  OE2  sing N N 117 
GLU OE2 HE2  sing N N 118 
GLU OXT HXT  sing N N 119 
GLY N   CA   sing N N 120 
GLY N   H    sing N N 121 
GLY N   H2   sing N N 122 
GLY CA  C    sing N N 123 
GLY CA  HA2  sing N N 124 
GLY CA  HA3  sing N N 125 
GLY C   O    doub N N 126 
GLY C   OXT  sing N N 127 
GLY OXT HXT  sing N N 128 
HIS N   CA   sing N N 129 
HIS N   H    sing N N 130 
HIS N   H2   sing N N 131 
HIS CA  C    sing N N 132 
HIS CA  CB   sing N N 133 
HIS CA  HA   sing N N 134 
HIS C   O    doub N N 135 
HIS C   OXT  sing N N 136 
HIS CB  CG   sing N N 137 
HIS CB  HB2  sing N N 138 
HIS CB  HB3  sing N N 139 
HIS CG  ND1  sing Y N 140 
HIS CG  CD2  doub Y N 141 
HIS ND1 CE1  doub Y N 142 
HIS ND1 HD1  sing N N 143 
HIS CD2 NE2  sing Y N 144 
HIS CD2 HD2  sing N N 145 
HIS CE1 NE2  sing Y N 146 
HIS CE1 HE1  sing N N 147 
HIS NE2 HE2  sing N N 148 
HIS OXT HXT  sing N N 149 
ILE N   CA   sing N N 150 
ILE N   H    sing N N 151 
ILE N   H2   sing N N 152 
ILE CA  C    sing N N 153 
ILE CA  CB   sing N N 154 
ILE CA  HA   sing N N 155 
ILE C   O    doub N N 156 
ILE C   OXT  sing N N 157 
ILE CB  CG1  sing N N 158 
ILE CB  CG2  sing N N 159 
ILE CB  HB   sing N N 160 
ILE CG1 CD1  sing N N 161 
ILE CG1 HG12 sing N N 162 
ILE CG1 HG13 sing N N 163 
ILE CG2 HG21 sing N N 164 
ILE CG2 HG22 sing N N 165 
ILE CG2 HG23 sing N N 166 
ILE CD1 HD11 sing N N 167 
ILE CD1 HD12 sing N N 168 
ILE CD1 HD13 sing N N 169 
ILE OXT HXT  sing N N 170 
LEU N   CA   sing N N 171 
LEU N   H    sing N N 172 
LEU N   H2   sing N N 173 
LEU CA  C    sing N N 174 
LEU CA  CB   sing N N 175 
LEU CA  HA   sing N N 176 
LEU C   O    doub N N 177 
LEU C   OXT  sing N N 178 
LEU CB  CG   sing N N 179 
LEU CB  HB2  sing N N 180 
LEU CB  HB3  sing N N 181 
LEU CG  CD1  sing N N 182 
LEU CG  CD2  sing N N 183 
LEU CG  HG   sing N N 184 
LEU CD1 HD11 sing N N 185 
LEU CD1 HD12 sing N N 186 
LEU CD1 HD13 sing N N 187 
LEU CD2 HD21 sing N N 188 
LEU CD2 HD22 sing N N 189 
LEU CD2 HD23 sing N N 190 
LEU OXT HXT  sing N N 191 
LYS N   CA   sing N N 192 
LYS N   H    sing N N 193 
LYS N   H2   sing N N 194 
LYS CA  C    sing N N 195 
LYS CA  CB   sing N N 196 
LYS CA  HA   sing N N 197 
LYS C   O    doub N N 198 
LYS C   OXT  sing N N 199 
LYS CB  CG   sing N N 200 
LYS CB  HB2  sing N N 201 
LYS CB  HB3  sing N N 202 
LYS CG  CD   sing N N 203 
LYS CG  HG2  sing N N 204 
LYS CG  HG3  sing N N 205 
LYS CD  CE   sing N N 206 
LYS CD  HD2  sing N N 207 
LYS CD  HD3  sing N N 208 
LYS CE  NZ   sing N N 209 
LYS CE  HE2  sing N N 210 
LYS CE  HE3  sing N N 211 
LYS NZ  HZ1  sing N N 212 
LYS NZ  HZ2  sing N N 213 
LYS NZ  HZ3  sing N N 214 
LYS OXT HXT  sing N N 215 
MET N   CA   sing N N 216 
MET N   H    sing N N 217 
MET N   H2   sing N N 218 
MET CA  C    sing N N 219 
MET CA  CB   sing N N 220 
MET CA  HA   sing N N 221 
MET C   O    doub N N 222 
MET C   OXT  sing N N 223 
MET CB  CG   sing N N 224 
MET CB  HB2  sing N N 225 
MET CB  HB3  sing N N 226 
MET CG  SD   sing N N 227 
MET CG  HG2  sing N N 228 
MET CG  HG3  sing N N 229 
MET SD  CE   sing N N 230 
MET CE  HE1  sing N N 231 
MET CE  HE2  sing N N 232 
MET CE  HE3  sing N N 233 
MET OXT HXT  sing N N 234 
PHE N   CA   sing N N 235 
PHE N   H    sing N N 236 
PHE N   H2   sing N N 237 
PHE CA  C    sing N N 238 
PHE CA  CB   sing N N 239 
PHE CA  HA   sing N N 240 
PHE C   O    doub N N 241 
PHE C   OXT  sing N N 242 
PHE CB  CG   sing N N 243 
PHE CB  HB2  sing N N 244 
PHE CB  HB3  sing N N 245 
PHE CG  CD1  doub Y N 246 
PHE CG  CD2  sing Y N 247 
PHE CD1 CE1  sing Y N 248 
PHE CD1 HD1  sing N N 249 
PHE CD2 CE2  doub Y N 250 
PHE CD2 HD2  sing N N 251 
PHE CE1 CZ   doub Y N 252 
PHE CE1 HE1  sing N N 253 
PHE CE2 CZ   sing Y N 254 
PHE CE2 HE2  sing N N 255 
PHE CZ  HZ   sing N N 256 
PHE OXT HXT  sing N N 257 
PRO N   CA   sing N N 258 
PRO N   CD   sing N N 259 
PRO N   H    sing N N 260 
PRO CA  C    sing N N 261 
PRO CA  CB   sing N N 262 
PRO CA  HA   sing N N 263 
PRO C   O    doub N N 264 
PRO C   OXT  sing N N 265 
PRO CB  CG   sing N N 266 
PRO CB  HB2  sing N N 267 
PRO CB  HB3  sing N N 268 
PRO CG  CD   sing N N 269 
PRO CG  HG2  sing N N 270 
PRO CG  HG3  sing N N 271 
PRO CD  HD2  sing N N 272 
PRO CD  HD3  sing N N 273 
PRO OXT HXT  sing N N 274 
SER N   CA   sing N N 275 
SER N   H    sing N N 276 
SER N   H2   sing N N 277 
SER CA  C    sing N N 278 
SER CA  CB   sing N N 279 
SER CA  HA   sing N N 280 
SER C   O    doub N N 281 
SER C   OXT  sing N N 282 
SER CB  OG   sing N N 283 
SER CB  HB2  sing N N 284 
SER CB  HB3  sing N N 285 
SER OG  HG   sing N N 286 
SER OXT HXT  sing N N 287 
THR N   CA   sing N N 288 
THR N   H    sing N N 289 
THR N   H2   sing N N 290 
THR CA  C    sing N N 291 
THR CA  CB   sing N N 292 
THR CA  HA   sing N N 293 
THR C   O    doub N N 294 
THR C   OXT  sing N N 295 
THR CB  OG1  sing N N 296 
THR CB  CG2  sing N N 297 
THR CB  HB   sing N N 298 
THR OG1 HG1  sing N N 299 
THR CG2 HG21 sing N N 300 
THR CG2 HG22 sing N N 301 
THR CG2 HG23 sing N N 302 
THR OXT HXT  sing N N 303 
TRP N   CA   sing N N 304 
TRP N   H    sing N N 305 
TRP N   H2   sing N N 306 
TRP CA  C    sing N N 307 
TRP CA  CB   sing N N 308 
TRP CA  HA   sing N N 309 
TRP C   O    doub N N 310 
TRP C   OXT  sing N N 311 
TRP CB  CG   sing N N 312 
TRP CB  HB2  sing N N 313 
TRP CB  HB3  sing N N 314 
TRP CG  CD1  doub Y N 315 
TRP CG  CD2  sing Y N 316 
TRP CD1 NE1  sing Y N 317 
TRP CD1 HD1  sing N N 318 
TRP CD2 CE2  doub Y N 319 
TRP CD2 CE3  sing Y N 320 
TRP NE1 CE2  sing Y N 321 
TRP NE1 HE1  sing N N 322 
TRP CE2 CZ2  sing Y N 323 
TRP CE3 CZ3  doub Y N 324 
TRP CE3 HE3  sing N N 325 
TRP CZ2 CH2  doub Y N 326 
TRP CZ2 HZ2  sing N N 327 
TRP CZ3 CH2  sing Y N 328 
TRP CZ3 HZ3  sing N N 329 
TRP CH2 HH2  sing N N 330 
TRP OXT HXT  sing N N 331 
TYR N   CA   sing N N 332 
TYR N   H    sing N N 333 
TYR N   H2   sing N N 334 
TYR CA  C    sing N N 335 
TYR CA  CB   sing N N 336 
TYR CA  HA   sing N N 337 
TYR C   O    doub N N 338 
TYR C   OXT  sing N N 339 
TYR CB  CG   sing N N 340 
TYR CB  HB2  sing N N 341 
TYR CB  HB3  sing N N 342 
TYR CG  CD1  doub Y N 343 
TYR CG  CD2  sing Y N 344 
TYR CD1 CE1  sing Y N 345 
TYR CD1 HD1  sing N N 346 
TYR CD2 CE2  doub Y N 347 
TYR CD2 HD2  sing N N 348 
TYR CE1 CZ   doub Y N 349 
TYR CE1 HE1  sing N N 350 
TYR CE2 CZ   sing Y N 351 
TYR CE2 HE2  sing N N 352 
TYR CZ  OH   sing N N 353 
TYR OH  HH   sing N N 354 
TYR OXT HXT  sing N N 355 
VAL N   CA   sing N N 356 
VAL N   H    sing N N 357 
VAL N   H2   sing N N 358 
VAL CA  C    sing N N 359 
VAL CA  CB   sing N N 360 
VAL CA  HA   sing N N 361 
VAL C   O    doub N N 362 
VAL C   OXT  sing N N 363 
VAL CB  CG1  sing N N 364 
VAL CB  CG2  sing N N 365 
VAL CB  HB   sing N N 366 
VAL CG1 HG11 sing N N 367 
VAL CG1 HG12 sing N N 368 
VAL CG1 HG13 sing N N 369 
VAL CG2 HG21 sing N N 370 
VAL CG2 HG22 sing N N 371 
VAL CG2 HG23 sing N N 372 
VAL OXT HXT  sing N N 373 
# 
_pdbx_coordinate_model.asym_id   A 
_pdbx_coordinate_model.type      'CA ATOMS ONLY' 
# 
_atom_sites.entry_id                    1BAX 
_atom_sites.fract_transf_matrix[1][1]   1.000000 
_atom_sites.fract_transf_matrix[1][2]   0.000000 
_atom_sites.fract_transf_matrix[1][3]   0.000000 
_atom_sites.fract_transf_matrix[2][1]   0.000000 
_atom_sites.fract_transf_matrix[2][2]   1.000000 
_atom_sites.fract_transf_matrix[2][3]   0.000000 
_atom_sites.fract_transf_matrix[3][1]   0.000000 
_atom_sites.fract_transf_matrix[3][2]   0.000000 
_atom_sites.fract_transf_matrix[3][3]   1.000000 
_atom_sites.fract_transf_vector[1]      0.00000 
_atom_sites.fract_transf_vector[2]      0.00000 
_atom_sites.fract_transf_vector[3]      0.00000 
# 
_atom_type.symbol   C 
# 
loop_
_atom_site.group_PDB 
_atom_site.id 
_atom_site.type_symbol 
_atom_site.label_atom_id 
_atom_site.label_alt_id 
_atom_site.label_comp_id 
_atom_site.label_asym_id 
_atom_site.label_entity_id 
_atom_site.label_seq_id 
_atom_site.pdbx_PDB_ins_code 
_atom_site.Cartn_x 
_atom_site.Cartn_y 
_atom_site.Cartn_z 
_atom_site.occupancy 
_atom_site.B_iso_or_equiv 
_atom_site.pdbx_formal_charge 
_atom_site.auth_seq_id 
_atom_site.auth_comp_id 
_atom_site.auth_asym_id 
_atom_site.auth_atom_id 
_atom_site.pdbx_PDB_model_num 
ATOM 1  C CA . MET A 1 1  ? 11.767  -16.015 -8.143  1.00 9.53 ? 1  MET A CA 1 
ATOM 2  C CA . GLY A 1 2  ? 10.659  -16.744 -4.560  1.00 6.91 ? 2  GLY A CA 1 
ATOM 3  C CA . GLN A 1 3  ? 6.924   -17.385 -5.051  1.00 5.34 ? 3  GLN A CA 1 
ATOM 4  C CA . GLU A 1 4  ? 5.097   -14.715 -7.082  1.00 3.07 ? 4  GLU A CA 1 
ATOM 5  C CA . LEU A 1 5  ? 1.997   -13.007 -5.635  1.00 1.88 ? 5  LEU A CA 1 
ATOM 6  C CA . SER A 1 6  ? 3.634   -13.616 -2.240  1.00 1.77 ? 6  SER A CA 1 
ATOM 7  C CA . GLN A 1 7  ? 4.810   -10.011 -2.633  1.00 1.68 ? 7  GLN A CA 1 
ATOM 8  C CA . HIS A 1 8  ? 1.323   -8.674  -2.043  1.00 1.30 ? 8  HIS A CA 1 
ATOM 9  C CA . GLU A 1 9  ? 0.079   -11.705 -0.057  1.00 1.24 ? 9  GLU A CA 1 
ATOM 10 C CA . ARG A 1 10 ? 2.522   -10.224 2.432   1.00 1.29 ? 10 ARG A CA 1 
ATOM 11 C CA . TYR A 1 11 ? 1.502   -6.555  1.890   1.00 0.82 ? 11 TYR A CA 1 
ATOM 12 C CA . VAL A 1 12 ? -2.173  -7.703  1.968   1.00 0.82 ? 12 VAL A CA 1 
ATOM 13 C CA . GLU A 1 13 ? -2.115  -9.639  5.248   1.00 0.90 ? 13 GLU A CA 1 
ATOM 14 C CA . GLN A 1 14 ? 0.328   -7.262  6.940   1.00 0.84 ? 14 GLN A CA 1 
ATOM 15 C CA . LEU A 1 15 ? -1.841  -4.332  5.820   1.00 0.51 ? 15 LEU A CA 1 
ATOM 16 C CA . LYS A 1 16 ? -5.230  -5.942  6.199   1.00 0.73 ? 16 LYS A CA 1 
ATOM 17 C CA . GLN A 1 17 ? -4.522  -6.339  9.914   1.00 0.98 ? 17 GLN A CA 1 
ATOM 18 C CA . ALA A 1 18 ? -2.128  -3.383  10.129  1.00 0.79 ? 18 ALA A CA 1 
ATOM 19 C CA . LEU A 1 19 ? -4.302  -0.744  8.459   1.00 0.56 ? 19 LEU A CA 1 
ATOM 20 C CA . LYS A 1 20 ? -7.525  -2.344  9.736   1.00 1.12 ? 20 LYS A CA 1 
ATOM 21 C CA . THR A 1 21 ? -6.570  -2.770  13.397  1.00 1.37 ? 21 THR A CA 1 
ATOM 22 C CA . ARG A 1 22 ? -3.929  -0.040  13.630  1.00 1.45 ? 22 ARG A CA 1 
ATOM 23 C CA . GLY A 1 23 ? -5.716  2.904   12.023  1.00 2.21 ? 23 GLY A CA 1 
ATOM 24 C CA . VAL A 1 24 ? -8.789  1.051   10.758  1.00 1.34 ? 24 VAL A CA 1 
ATOM 25 C CA . LYS A 1 25 ? -10.679 2.157   7.665   1.00 1.68 ? 25 LYS A CA 1 
ATOM 26 C CA . VAL A 1 26 ? -13.738 1.302   5.583   1.00 1.94 ? 26 VAL A CA 1 
ATOM 27 C CA . LYS A 1 27 ? -13.491 -2.278  4.278   1.00 1.78 ? 27 LYS A CA 1 
ATOM 28 C CA . TYR A 1 28 ? -9.766  -2.829  3.524   1.00 1.06 ? 28 TYR A CA 1 
ATOM 29 C CA . ALA A 1 29 ? -11.000 -5.320  0.884   1.00 0.81 ? 29 ALA A CA 1 
ATOM 30 C CA . ASP A 1 30 ? -12.053 -3.272  -2.170  1.00 1.11 ? 30 ASP A CA 1 
ATOM 31 C CA . LEU A 1 31 ? -9.817  -0.627  -0.672  1.00 0.99 ? 31 LEU A CA 1 
ATOM 32 C CA . LEU A 1 32 ? -6.840  -2.959  -0.381  1.00 0.97 ? 32 LEU A CA 1 
ATOM 33 C CA . LYS A 1 33 ? -7.410  -3.558  -4.096  1.00 0.98 ? 33 LYS A CA 1 
ATOM 34 C CA . PHE A 1 34 ? -6.641  0.120   -4.291  1.00 0.76 ? 34 PHE A CA 1 
ATOM 35 C CA . PHE A 1 35 ? -3.583  -0.750  -2.310  1.00 0.78 ? 35 PHE A CA 1 
ATOM 36 C CA . ASP A 1 36 ? -3.256  -3.438  -5.029  1.00 0.90 ? 36 ASP A CA 1 
ATOM 37 C CA . PHE A 1 37 ? -2.181  -0.530  -7.149  1.00 0.85 ? 37 PHE A CA 1 
ATOM 38 C CA . VAL A 1 38 ? 0.288   -0.264  -4.309  1.00 0.59 ? 38 VAL A CA 1 
ATOM 39 C CA . LYS A 1 39 ? 0.677   -4.041  -4.955  1.00 0.84 ? 39 LYS A CA 1 
ATOM 40 C CA . ASP A 1 40 ? 2.282   -2.719  -8.138  1.00 1.14 ? 40 ASP A CA 1 
ATOM 41 C CA . THR A 1 41 ? 4.650   -1.036  -5.700  1.00 1.20 ? 41 THR A CA 1 
ATOM 42 C CA . CYS A 1 42 ? 4.752   -4.822  -4.931  1.00 1.62 ? 42 CYS A CA 1 
ATOM 43 C CA . PRO A 1 43 ? 7.832   -5.817  -3.032  1.00 1.29 ? 43 PRO A CA 1 
ATOM 44 C CA . TRP A 1 44 ? 9.126   -2.259  -3.665  1.00 2.06 ? 44 TRP A CA 1 
ATOM 45 C CA . PHE A 1 45 ? 8.832   -2.688  0.089   1.00 0.94 ? 45 PHE A CA 1 
ATOM 46 C CA . PRO A 1 46 ? 12.133  -4.462  0.929   1.00 0.90 ? 46 PRO A CA 1 
ATOM 47 C CA . GLN A 1 47 ? 11.120  -5.357  4.504   1.00 1.14 ? 47 GLN A CA 1 
ATOM 48 C CA . GLU A 1 48 ? 8.613   -8.212  4.487   1.00 2.98 ? 48 GLU A CA 1 
ATOM 49 C CA . GLY A 1 49 ? 5.794   -8.713  7.030   1.00 2.29 ? 49 GLY A CA 1 
ATOM 50 C CA . THR A 1 50 ? 4.895   -5.096  7.839   1.00 1.27 ? 50 THR A CA 1 
ATOM 51 C CA . ILE A 1 51 ? 5.037   -2.633  4.945   1.00 0.82 ? 51 ILE A CA 1 
ATOM 52 C CA . ASP A 1 52 ? 8.197   -0.506  4.535   1.00 1.18 ? 52 ASP A CA 1 
ATOM 53 C CA . ILE A 1 53 ? 7.926   3.244   4.293   1.00 0.75 ? 53 ILE A CA 1 
ATOM 54 C CA . LYS A 1 54 ? 10.814  4.742   2.249   1.00 0.87 ? 54 LYS A CA 1 
ATOM 55 C CA . ARG A 1 55 ? 9.870   2.603   -0.722  1.00 1.09 ? 55 ARG A CA 1 
ATOM 56 C CA . TRP A 1 56 ? 6.389   3.502   0.360   1.00 0.90 ? 56 TRP A CA 1 
ATOM 57 C CA . ARG A 1 57 ? 7.571   7.078   -0.201  1.00 0.81 ? 57 ARG A CA 1 
ATOM 58 C CA . ARG A 1 58 ? 7.681   5.640   -3.712  1.00 0.85 ? 58 ARG A CA 1 
ATOM 59 C CA . VAL A 1 59 ? 4.010   4.581   -3.278  1.00 0.77 ? 59 VAL A CA 1 
ATOM 60 C CA . GLY A 1 60 ? 2.771   7.917   -2.110  1.00 0.80 ? 60 GLY A CA 1 
ATOM 61 C CA . ASP A 1 61 ? 5.326   9.293   -4.547  1.00 0.87 ? 61 ASP A CA 1 
ATOM 62 C CA . CYS A 1 62 ? 4.216   7.399   -7.597  1.00 0.74 ? 62 CYS A CA 1 
ATOM 63 C CA . PHE A 1 63 ? 0.712   7.296   -6.167  1.00 0.65 ? 63 PHE A CA 1 
ATOM 64 C CA . GLN A 1 64 ? 0.592   11.105  -6.210  1.00 0.88 ? 64 GLN A CA 1 
ATOM 65 C CA . ASP A 1 65 ? 2.394   11.857  -9.469  1.00 0.97 ? 65 ASP A CA 1 
ATOM 66 C CA . TYR A 1 66 ? 1.535   8.474   -11.046 1.00 1.01 ? 66 TYR A CA 1 
ATOM 67 C CA . TYR A 1 67 ? -2.155  8.856   -11.211 1.00 0.82 ? 67 TYR A CA 1 
ATOM 68 C CA . ASN A 1 68 ? -2.656  12.595  -11.315 1.00 0.86 ? 68 ASN A CA 1 
ATOM 69 C CA . THR A 1 69 ? 0.194   12.371  -13.819 1.00 1.40 ? 69 THR A CA 1 
ATOM 70 C CA . PHE A 1 70 ? -1.648  10.124  -16.242 1.00 1.72 ? 70 PHE A CA 1 
ATOM 71 C CA . GLY A 1 71 ? -4.178  8.085   -14.250 1.00 1.55 ? 71 GLY A CA 1 
ATOM 72 C CA . PRO A 1 72 ? -4.804  4.684   -15.863 1.00 2.77 ? 72 PRO A CA 1 
ATOM 73 C CA . GLU A 1 73 ? -7.589  3.305   -13.668 1.00 2.93 ? 73 GLU A CA 1 
ATOM 74 C CA . LYS A 1 74 ? -5.752  0.802   -11.461 1.00 1.81 ? 74 LYS A CA 1 
ATOM 75 C CA . VAL A 1 75 ? -4.026  3.330   -9.172  1.00 1.21 ? 75 VAL A CA 1 
ATOM 76 C CA . PRO A 1 76 ? -6.774  5.011   -7.132  1.00 1.14 ? 76 PRO A CA 1 
ATOM 77 C CA . VAL A 1 77 ? -6.317  8.286   -5.277  1.00 1.20 ? 77 VAL A CA 1 
ATOM 78 C CA . THR A 1 78 ? -8.706  8.278   -2.283  1.00 1.34 ? 78 THR A CA 1 
ATOM 79 C CA . ALA A 1 79 ? -7.315  4.945   -1.214  1.00 1.00 ? 79 ALA A CA 1 
ATOM 80 C CA . PHE A 1 80 ? -4.170  7.069   -1.056  1.00 0.85 ? 80 PHE A CA 1 
ATOM 81 C CA . SER A 1 81 ? -5.555  8.868   1.965   1.00 1.01 ? 81 SER A CA 1 
ATOM 82 C CA . TYR A 1 82 ? -5.961  5.294   3.174   1.00 0.95 ? 82 TYR A CA 1 
ATOM 83 C CA . TRP A 1 83 ? -2.392  4.433   2.097   1.00 0.67 ? 83 TRP A CA 1 
ATOM 84 C CA . ASN A 1 84 ? -1.735  7.494   4.269   1.00 0.89 ? 84 ASN A CA 1 
ATOM 85 C CA . LEU A 1 85 ? -3.310  5.430   7.045   1.00 0.94 ? 85 LEU A CA 1 
ATOM 86 C CA . ILE A 1 86 ? -0.443  3.087   6.392   1.00 0.93 ? 86 ILE A CA 1 
ATOM 87 C CA . LYS A 1 87 ? 1.654   6.252   6.719   1.00 1.12 ? 87 LYS A CA 1 
ATOM 88 C CA . GLU A 1 88 ? 0.703   5.774   10.334  1.00 1.29 ? 88 GLU A CA 1 
ATOM 89 C CA . LEU A 1 89 ? 1.791   2.147   9.930   1.00 1.29 ? 89 LEU A CA 1 
ATOM 90 C CA . ILE A 1 90 ? 5.005   2.584   7.864   1.00 1.45 ? 90 ILE A CA 1 
ATOM 91 C CA . ASP A 1 91 ? 5.537   6.329   8.461   1.00 1.51 ? 91 ASP A CA 1 
ATOM 92 C CA . LYS A 1 92 ? 4.378   7.257   11.984  1.00 1.99 ? 92 LYS A CA 1 
ATOM 93 C CA . LYS A 1 93 ? 5.627   3.870   13.226  1.00 2.14 ? 93 LYS A CA 1 
ATOM 94 C CA . GLU A 1 94 ? 9.217   4.510   12.097  1.00 4.46 ? 94 GLU A CA 1 
# 
